data_5BS2
#
_entry.id   5BS2
#
_cell.length_a   34.217
_cell.length_b   38.525
_cell.length_c   50.355
_cell.angle_alpha   88.470
_cell.angle_beta   81.530
_cell.angle_gamma   67.920
#
_symmetry.space_group_name_H-M   'P 1'
#
loop_
_entity.id
_entity.type
_entity.pdbx_description
1 polymer 'Ribulose bisphosphate carboxylase large chain,CrRbcX-IIa'
2 polymer 'Ribulose bisphosphate carboxylase large chain'
3 water water
#
loop_
_entity_poly.entity_id
_entity_poly.type
_entity_poly.pdbx_seq_one_letter_code
_entity_poly.pdbx_strand_id
1 'polypeptide(L)'
;WKEIKFEFDTIDPADSFSGASPERKAAVALRSLFTFVAARVVLEQLQGPGGPETTYNQQAYLDLMDFLGTPMKGDGGDEW
MAAVMRKNHALALRLMEVREAYLDEFEWGKTMEMASRETREANTRLMRAAAM
;
A,B
2 'polypeptide(L)' WKEIKF R
#
# COMPACT_ATOMS: atom_id res chain seq x y z
N ALA A 20 -1.85 10.31 9.04
CA ALA A 20 -1.98 10.37 7.55
C ALA A 20 -3.42 10.08 7.17
N SER A 21 -3.92 10.74 6.13
CA SER A 21 -5.15 10.29 5.51
C SER A 21 -4.91 8.88 4.90
N PRO A 22 -5.98 8.14 4.61
CA PRO A 22 -5.80 6.87 3.89
C PRO A 22 -5.17 7.08 2.48
N GLU A 23 -5.60 8.13 1.80
CA GLU A 23 -5.02 8.51 0.52
C GLU A 23 -3.52 8.81 0.62
N ARG A 24 -3.10 9.47 1.70
CA ARG A 24 -1.70 9.79 1.95
C ARG A 24 -0.87 8.53 2.19
N LYS A 25 -1.35 7.70 3.09
CA LYS A 25 -0.79 6.36 3.33
C LYS A 25 -0.60 5.58 2.03
N ALA A 26 -1.65 5.53 1.22
CA ALA A 26 -1.59 4.84 -0.05
C ALA A 26 -0.58 5.49 -1.00
N ALA A 27 -0.52 6.82 -1.04
CA ALA A 27 0.43 7.52 -1.89
C ALA A 27 1.87 7.19 -1.56
N VAL A 28 2.18 7.20 -0.27
CA VAL A 28 3.56 6.98 0.17
C VAL A 28 3.90 5.54 -0.20
N ALA A 29 2.95 4.65 -0.03
CA ALA A 29 3.20 3.25 -0.32
C ALA A 29 3.42 2.99 -1.82
N LEU A 30 2.65 3.67 -2.67
CA LEU A 30 2.86 3.64 -4.10
C LEU A 30 4.26 4.13 -4.44
N ARG A 31 4.67 5.24 -3.81
CA ARG A 31 6.01 5.76 -4.02
C ARG A 31 7.13 4.75 -3.75
N SER A 32 7.02 4.02 -2.64
CA SER A 32 7.99 2.97 -2.32
C SER A 32 7.90 1.82 -3.34
N LEU A 33 6.69 1.52 -3.80
CA LEU A 33 6.51 0.44 -4.81
C LEU A 33 7.25 0.83 -6.10
N PHE A 34 7.13 2.11 -6.49
CA PHE A 34 7.79 2.56 -7.71
C PHE A 34 9.32 2.54 -7.57
N THR A 35 9.84 2.94 -6.42
CA THR A 35 11.29 2.94 -6.18
C THR A 35 11.76 1.49 -6.30
N PHE A 36 10.98 0.61 -5.73
CA PHE A 36 11.34 -0.80 -5.74
C PHE A 36 11.33 -1.41 -7.14
N VAL A 37 10.25 -1.22 -7.86
CA VAL A 37 10.17 -1.59 -9.28
C VAL A 37 11.38 -1.05 -10.06
N ALA A 38 11.72 0.22 -9.81
CA ALA A 38 12.89 0.83 -10.45
C ALA A 38 14.18 0.11 -10.11
N ALA A 39 14.38 -0.25 -8.86
CA ALA A 39 15.56 -1.01 -8.51
C ALA A 39 15.64 -2.35 -9.29
N ARG A 40 14.51 -3.02 -9.38
CA ARG A 40 14.47 -4.35 -10.03
C ARG A 40 14.81 -4.21 -11.51
N VAL A 41 14.22 -3.22 -12.13
CA VAL A 41 14.46 -2.89 -13.54
C VAL A 41 15.95 -2.63 -13.78
N VAL A 42 16.55 -1.80 -12.95
CA VAL A 42 17.94 -1.41 -13.16
C VAL A 42 18.87 -2.59 -12.89
N LEU A 43 18.56 -3.35 -11.88
CA LEU A 43 19.35 -4.53 -11.61
C LEU A 43 19.42 -5.49 -12.84
N GLU A 44 18.28 -5.71 -13.48
CA GLU A 44 18.19 -6.60 -14.62
C GLU A 44 18.94 -6.05 -15.82
N GLN A 45 18.78 -4.77 -16.06
CA GLN A 45 19.47 -4.07 -17.14
C GLN A 45 20.98 -4.09 -16.93
N LEU A 46 21.43 -4.02 -15.67
CA LEU A 46 22.87 -4.01 -15.39
C LEU A 46 23.43 -5.37 -15.68
N GLN A 47 22.66 -6.38 -15.33
CA GLN A 47 22.98 -7.72 -15.71
C GLN A 47 23.08 -7.81 -17.24
N GLY A 48 22.03 -7.46 -17.99
CA GLY A 48 22.07 -7.54 -19.46
C GLY A 48 22.56 -8.92 -19.89
N PRO A 49 22.92 -9.11 -21.17
CA PRO A 49 23.38 -10.44 -21.59
C PRO A 49 24.82 -10.73 -21.17
N GLY A 50 25.00 -11.60 -20.19
CA GLY A 50 26.34 -12.05 -19.78
C GLY A 50 27.28 -11.03 -19.10
N GLY A 51 26.71 -10.07 -18.38
CA GLY A 51 27.45 -9.31 -17.35
C GLY A 51 27.49 -7.80 -17.55
N PRO A 52 27.59 -7.03 -16.44
CA PRO A 52 27.78 -5.58 -16.58
C PRO A 52 29.02 -5.26 -17.44
N GLU A 53 28.84 -4.35 -18.38
CA GLU A 53 29.82 -4.08 -19.43
C GLU A 53 31.05 -3.32 -18.91
N THR A 54 30.81 -2.09 -18.46
CA THR A 54 31.92 -1.25 -18.08
C THR A 54 32.25 -1.52 -16.63
N THR A 55 33.47 -1.20 -16.26
CA THR A 55 33.89 -1.33 -14.89
C THR A 55 32.97 -0.52 -13.97
N TYR A 56 32.43 0.60 -14.48
CA TYR A 56 31.55 1.44 -13.70
C TYR A 56 30.21 0.77 -13.45
N ASN A 57 29.66 0.20 -14.51
CA ASN A 57 28.40 -0.55 -14.37
C ASN A 57 28.54 -1.78 -13.47
N GLN A 58 29.71 -2.37 -13.47
CA GLN A 58 29.98 -3.49 -12.53
C GLN A 58 29.92 -2.98 -11.05
N GLN A 59 30.51 -1.82 -10.83
CA GLN A 59 30.45 -1.15 -9.55
C GLN A 59 29.01 -0.83 -9.18
N ALA A 60 28.25 -0.35 -10.16
CA ALA A 60 26.86 -0.03 -9.94
C ALA A 60 26.06 -1.26 -9.54
N TYR A 61 26.31 -2.37 -10.23
CA TYR A 61 25.66 -3.66 -9.93
C TYR A 61 25.89 -4.10 -8.47
N LEU A 62 27.15 -4.08 -8.07
CA LEU A 62 27.53 -4.46 -6.72
C LEU A 62 26.95 -3.51 -5.68
N ASP A 63 26.99 -2.20 -5.94
CA ASP A 63 26.37 -1.28 -5.00
C ASP A 63 24.88 -1.54 -4.87
N LEU A 64 24.21 -1.79 -6.00
CA LEU A 64 22.75 -1.95 -5.97
C LEU A 64 22.40 -3.20 -5.22
N MET A 65 23.19 -4.25 -5.41
CA MET A 65 22.95 -5.51 -4.70
C MET A 65 23.15 -5.34 -3.19
N ASP A 66 24.23 -4.67 -2.79
CA ASP A 66 24.43 -4.18 -1.42
C ASP A 66 23.18 -3.45 -0.90
N PHE A 67 22.71 -2.46 -1.65
CA PHE A 67 21.65 -1.62 -1.13
C PHE A 67 20.31 -2.33 -1.08
N LEU A 68 20.12 -3.35 -1.90
CA LEU A 68 18.88 -4.13 -1.84
C LEU A 68 18.84 -5.06 -0.63
N GLY A 69 19.99 -5.30 0.00
CA GLY A 69 20.01 -5.99 1.28
C GLY A 69 19.65 -5.09 2.46
N THR A 70 19.28 -3.82 2.21
CA THR A 70 18.90 -2.91 3.29
C THR A 70 17.47 -2.41 3.06
N PRO A 71 16.66 -2.33 4.14
CA PRO A 71 15.26 -1.90 3.94
C PRO A 71 15.15 -0.48 3.38
N MET A 72 14.19 -0.26 2.45
CA MET A 72 14.09 1.02 1.75
C MET A 72 13.43 2.11 2.60
N LYS A 73 14.23 2.69 3.49
CA LYS A 73 13.75 3.68 4.44
C LYS A 73 13.43 5.02 3.75
N GLY A 74 12.73 5.89 4.47
CA GLY A 74 12.18 7.11 3.89
C GLY A 74 10.82 6.83 3.33
N ASP A 75 9.94 7.81 3.45
CA ASP A 75 8.68 7.76 2.72
C ASP A 75 9.06 7.57 1.28
N GLY A 76 8.45 6.58 0.64
CA GLY A 76 8.60 6.43 -0.78
C GLY A 76 9.98 5.98 -1.20
N GLY A 77 10.83 5.55 -0.26
CA GLY A 77 12.17 5.09 -0.57
C GLY A 77 13.23 6.17 -0.66
N ASP A 78 12.94 7.38 -0.17
CA ASP A 78 13.84 8.53 -0.42
C ASP A 78 15.10 8.50 0.44
N GLU A 79 14.99 8.03 1.67
CA GLU A 79 16.16 7.91 2.53
C GLU A 79 17.15 6.88 1.94
N TRP A 80 16.61 5.74 1.54
CA TRP A 80 17.36 4.74 0.78
C TRP A 80 17.99 5.35 -0.50
N MET A 81 17.21 6.06 -1.30
CA MET A 81 17.78 6.73 -2.51
C MET A 81 18.94 7.67 -2.20
N ALA A 82 18.80 8.50 -1.15
CA ALA A 82 19.86 9.41 -0.78
C ALA A 82 21.14 8.67 -0.40
N ALA A 83 21.00 7.57 0.34
CA ALA A 83 22.17 6.80 0.71
C ALA A 83 22.81 6.24 -0.55
N VAL A 84 22.01 5.76 -1.47
CA VAL A 84 22.56 5.22 -2.71
C VAL A 84 23.32 6.31 -3.45
N MET A 85 22.74 7.51 -3.48
CA MET A 85 23.35 8.63 -4.20
C MET A 85 24.70 9.01 -3.65
N ARG A 86 24.87 8.95 -2.32
CA ARG A 86 26.15 9.23 -1.73
C ARG A 86 27.21 8.26 -2.19
N LYS A 87 26.85 6.97 -2.24
CA LYS A 87 27.78 5.92 -2.63
C LYS A 87 28.02 5.88 -4.14
N ASN A 88 26.95 6.03 -4.93
CA ASN A 88 27.03 5.91 -6.37
C ASN A 88 26.01 6.80 -7.03
N HIS A 89 26.49 8.00 -7.39
CA HIS A 89 25.61 9.02 -7.89
C HIS A 89 25.04 8.62 -9.22
N ALA A 90 25.86 8.05 -10.09
CA ALA A 90 25.38 7.57 -11.40
C ALA A 90 24.24 6.58 -11.24
N LEU A 91 24.38 5.67 -10.28
CA LEU A 91 23.32 4.73 -10.04
C LEU A 91 22.05 5.42 -9.54
N ALA A 92 22.18 6.39 -8.63
CA ALA A 92 21.01 7.03 -8.09
C ALA A 92 20.25 7.75 -9.19
N LEU A 93 21.00 8.43 -10.06
CA LEU A 93 20.35 9.14 -11.17
C LEU A 93 19.53 8.21 -12.04
N ARG A 94 20.09 7.05 -12.36
CA ARG A 94 19.36 6.06 -13.14
C ARG A 94 18.10 5.53 -12.42
N LEU A 95 18.25 5.15 -11.15
CA LEU A 95 17.12 4.72 -10.35
C LEU A 95 16.00 5.77 -10.28
N MET A 96 16.39 7.03 -10.08
CA MET A 96 15.42 8.11 -10.06
C MET A 96 14.74 8.28 -11.41
N GLU A 97 15.52 8.17 -12.48
CA GLU A 97 14.98 8.33 -13.84
C GLU A 97 13.93 7.22 -14.12
N VAL A 98 14.26 6.00 -13.69
CA VAL A 98 13.37 4.89 -13.95
C VAL A 98 12.09 4.99 -13.11
N ARG A 99 12.17 5.37 -11.84
CA ARG A 99 10.94 5.47 -11.08
C ARG A 99 10.00 6.59 -11.57
N GLU A 100 10.57 7.66 -12.04
CA GLU A 100 9.78 8.74 -12.62
C GLU A 100 9.14 8.30 -13.96
N ALA A 101 9.92 7.59 -14.77
CA ALA A 101 9.42 7.01 -16.04
C ALA A 101 8.30 6.01 -15.78
N TYR A 102 8.41 5.26 -14.67
CA TYR A 102 7.39 4.29 -14.31
C TYR A 102 6.01 4.90 -13.96
N LEU A 103 6.00 6.18 -13.54
CA LEU A 103 4.74 6.94 -13.31
C LEU A 103 3.88 7.00 -14.56
N ASP A 104 4.50 6.97 -15.73
CA ASP A 104 3.79 7.00 -17.01
C ASP A 104 3.29 5.63 -17.48
N GLU A 105 3.73 4.53 -16.85
CA GLU A 105 3.45 3.15 -17.25
C GLU A 105 2.56 2.37 -16.30
N PHE A 106 2.75 2.60 -14.99
CA PHE A 106 1.90 2.05 -13.97
C PHE A 106 0.43 2.26 -14.27
N GLU A 107 -0.31 1.17 -14.25
CA GLU A 107 -1.71 1.18 -14.68
C GLU A 107 -2.59 1.36 -13.43
N TRP A 108 -2.76 2.62 -13.04
CA TRP A 108 -3.55 3.00 -11.88
C TRP A 108 -5.02 2.67 -12.07
N GLY A 109 -5.53 2.82 -13.28
CA GLY A 109 -6.91 2.47 -13.59
C GLY A 109 -7.16 1.00 -13.31
N LYS A 110 -6.30 0.15 -13.82
CA LYS A 110 -6.43 -1.28 -13.63
C LYS A 110 -6.41 -1.61 -12.15
N THR A 111 -5.48 -0.97 -11.42
CA THR A 111 -5.32 -1.15 -10.00
C THR A 111 -6.63 -0.83 -9.26
N MET A 112 -7.15 0.35 -9.53
CA MET A 112 -8.34 0.86 -8.92
C MET A 112 -9.53 -0.04 -9.28
N GLU A 113 -9.57 -0.46 -10.53
CA GLU A 113 -10.57 -1.40 -10.98
C GLU A 113 -10.57 -2.73 -10.22
N MET A 114 -9.41 -3.33 -10.10
CA MET A 114 -9.24 -4.59 -9.38
C MET A 114 -9.59 -4.43 -7.91
N ALA A 115 -9.13 -3.34 -7.29
CA ALA A 115 -9.41 -3.13 -5.88
C ALA A 115 -10.93 -3.04 -5.66
N SER A 116 -11.63 -2.36 -6.57
CA SER A 116 -13.09 -2.20 -6.45
C SER A 116 -13.88 -3.46 -6.72
N ARG A 117 -13.63 -4.08 -7.87
CA ARG A 117 -14.34 -5.31 -8.27
C ARG A 117 -14.16 -6.38 -7.23
N GLU A 118 -12.92 -6.59 -6.80
CA GLU A 118 -12.65 -7.68 -5.86
C GLU A 118 -13.24 -7.43 -4.47
N THR A 119 -13.35 -6.17 -4.06
CA THR A 119 -14.09 -5.81 -2.88
C THR A 119 -15.55 -6.24 -2.96
N ARG A 120 -16.21 -5.86 -4.06
CA ARG A 120 -17.59 -6.25 -4.31
C ARG A 120 -17.76 -7.74 -4.46
N GLU A 121 -16.88 -8.39 -5.20
CA GLU A 121 -16.95 -9.85 -5.34
C GLU A 121 -16.76 -10.61 -4.02
N ALA A 122 -15.80 -10.17 -3.19
CA ALA A 122 -15.57 -10.86 -1.92
C ALA A 122 -16.77 -10.69 -0.96
N ASN A 123 -17.30 -9.48 -0.86
CA ASN A 123 -18.48 -9.21 -0.08
C ASN A 123 -19.62 -10.13 -0.50
N THR A 124 -19.81 -10.25 -1.83
CA THR A 124 -20.89 -11.06 -2.36
C THR A 124 -20.72 -12.54 -2.00
N ARG A 125 -19.50 -13.04 -2.13
CA ARG A 125 -19.28 -14.44 -1.86
C ARG A 125 -19.42 -14.70 -0.36
N LEU A 126 -18.88 -13.81 0.47
CA LEU A 126 -19.01 -13.96 1.94
C LEU A 126 -20.47 -13.98 2.38
N MET A 127 -21.24 -13.01 1.91
CA MET A 127 -22.65 -12.91 2.27
C MET A 127 -23.46 -14.10 1.75
N ARG A 128 -23.22 -14.47 0.48
CA ARG A 128 -23.87 -15.67 -0.10
C ARG A 128 -23.58 -16.89 0.75
N ALA A 129 -22.34 -17.06 1.14
CA ALA A 129 -21.95 -18.23 1.87
C ALA A 129 -22.68 -18.33 3.23
N ALA A 130 -22.89 -17.18 3.91
CA ALA A 130 -23.50 -17.15 5.24
C ALA A 130 -25.02 -17.24 5.18
N ALA A 131 -25.59 -16.90 4.03
CA ALA A 131 -27.04 -16.91 3.84
C ALA A 131 -27.60 -18.31 3.67
N MET A 132 -28.88 -18.42 3.95
CA MET A 132 -29.58 -19.71 4.06
C MET A 132 -30.81 -19.75 3.19
N ALA B 20 3.14 -11.71 -8.99
CA ALA B 20 2.03 -10.72 -8.97
C ALA B 20 2.53 -9.42 -9.60
N SER B 21 1.71 -8.75 -10.40
CA SER B 21 2.11 -7.46 -10.96
C SER B 21 2.21 -6.38 -9.86
N PRO B 22 2.89 -5.25 -10.15
CA PRO B 22 2.86 -4.14 -9.21
C PRO B 22 1.45 -3.63 -8.98
N GLU B 23 0.66 -3.55 -10.04
CA GLU B 23 -0.76 -3.19 -9.95
C GLU B 23 -1.57 -4.12 -9.05
N ARG B 24 -1.32 -5.43 -9.13
CA ARG B 24 -1.99 -6.42 -8.31
C ARG B 24 -1.63 -6.23 -6.83
N LYS B 25 -0.35 -6.15 -6.58
CA LYS B 25 0.20 -5.84 -5.25
C LYS B 25 -0.44 -4.62 -4.64
N ALA B 26 -0.49 -3.56 -5.42
CA ALA B 26 -1.09 -2.34 -4.96
C ALA B 26 -2.57 -2.55 -4.71
N ALA B 27 -3.25 -3.33 -5.54
CA ALA B 27 -4.71 -3.52 -5.40
C ALA B 27 -5.07 -4.21 -4.09
N VAL B 28 -4.33 -5.27 -3.82
CA VAL B 28 -4.58 -6.08 -2.67
C VAL B 28 -4.28 -5.25 -1.41
N ALA B 29 -3.23 -4.44 -1.47
CA ALA B 29 -2.90 -3.56 -0.34
C ALA B 29 -3.98 -2.51 -0.09
N LEU B 30 -4.51 -1.92 -1.16
CA LEU B 30 -5.62 -0.99 -1.04
C LEU B 30 -6.81 -1.66 -0.41
N ARG B 31 -7.12 -2.89 -0.86
CA ARG B 31 -8.25 -3.60 -0.31
C ARG B 31 -8.12 -3.79 1.22
N SER B 32 -6.91 -4.06 1.69
CA SER B 32 -6.70 -4.14 3.14
C SER B 32 -6.83 -2.75 3.81
N LEU B 33 -6.38 -1.71 3.14
CA LEU B 33 -6.56 -0.38 3.69
C LEU B 33 -8.04 -0.11 3.90
N PHE B 34 -8.86 -0.43 2.89
CA PHE B 34 -10.28 -0.11 2.93
C PHE B 34 -10.98 -0.92 4.05
N THR B 35 -10.62 -2.18 4.16
CA THR B 35 -11.17 -2.99 5.24
C THR B 35 -10.85 -2.35 6.58
N PHE B 36 -9.62 -1.84 6.70
CA PHE B 36 -9.17 -1.18 7.89
C PHE B 36 -9.95 0.08 8.20
N VAL B 37 -10.08 0.92 7.17
CA VAL B 37 -10.83 2.16 7.30
C VAL B 37 -12.24 1.83 7.78
N ALA B 38 -12.81 0.77 7.19
CA ALA B 38 -14.15 0.34 7.53
C ALA B 38 -14.25 -0.07 9.00
N ALA B 39 -13.26 -0.82 9.47
CA ALA B 39 -13.22 -1.19 10.89
C ALA B 39 -13.17 0.06 11.82
N ARG B 40 -12.37 1.05 11.45
CA ARG B 40 -12.26 2.28 12.24
C ARG B 40 -13.54 3.04 12.32
N VAL B 41 -14.16 3.19 11.16
CA VAL B 41 -15.46 3.83 11.03
C VAL B 41 -16.49 3.14 11.91
N VAL B 42 -16.58 1.81 11.84
CA VAL B 42 -17.61 1.08 12.58
C VAL B 42 -17.32 1.07 14.08
N LEU B 43 -16.06 0.96 14.43
CA LEU B 43 -15.66 1.07 15.82
C LEU B 43 -16.13 2.39 16.48
N GLU B 44 -15.92 3.49 15.77
CA GLU B 44 -16.31 4.78 16.29
C GLU B 44 -17.83 4.94 16.41
N GLN B 45 -18.55 4.45 15.40
CA GLN B 45 -20.03 4.32 15.39
C GLN B 45 -20.57 3.57 16.60
N LEU B 46 -19.92 2.47 16.91
CA LEU B 46 -20.37 1.59 17.98
C LEU B 46 -20.12 2.19 19.36
N GLN B 47 -18.99 2.86 19.47
CA GLN B 47 -18.66 3.64 20.66
C GLN B 47 -19.72 4.71 20.78
N GLY B 48 -20.59 4.53 21.72
CA GLY B 48 -21.61 5.54 21.92
C GLY B 48 -20.97 6.86 22.23
N PRO B 49 -21.81 7.86 22.46
CA PRO B 49 -21.38 8.90 23.33
C PRO B 49 -21.15 8.30 24.72
N GLY B 50 -19.89 8.16 25.10
CA GLY B 50 -19.55 7.55 26.39
C GLY B 50 -19.87 6.06 26.54
N GLY B 51 -19.80 5.29 25.44
CA GLY B 51 -19.82 3.79 25.48
C GLY B 51 -20.96 3.13 24.73
N PRO B 52 -20.75 1.87 24.20
CA PRO B 52 -21.85 1.20 23.50
C PRO B 52 -23.06 1.06 24.40
N GLU B 53 -24.22 1.36 23.85
CA GLU B 53 -25.41 1.52 24.67
C GLU B 53 -26.28 0.29 24.76
N THR B 54 -26.35 -0.48 23.67
CA THR B 54 -27.22 -1.63 23.62
C THR B 54 -26.38 -2.85 23.83
N THR B 55 -27.04 -3.90 24.28
CA THR B 55 -26.41 -5.19 24.48
C THR B 55 -25.75 -5.67 23.18
N TYR B 56 -26.39 -5.38 22.04
CA TYR B 56 -25.90 -5.82 20.74
C TYR B 56 -24.69 -5.04 20.28
N ASN B 57 -24.75 -3.72 20.41
CA ASN B 57 -23.64 -2.88 20.05
C ASN B 57 -22.42 -3.15 20.93
N GLN B 58 -22.68 -3.48 22.19
CA GLN B 58 -21.64 -3.85 23.12
C GLN B 58 -20.93 -5.10 22.68
N GLN B 59 -21.68 -6.14 22.32
CA GLN B 59 -21.08 -7.37 21.81
C GLN B 59 -20.27 -7.15 20.51
N ALA B 60 -20.84 -6.38 19.60
CA ALA B 60 -20.16 -6.07 18.34
C ALA B 60 -18.90 -5.27 18.60
N TYR B 61 -18.96 -4.32 19.54
CA TYR B 61 -17.82 -3.52 19.94
C TYR B 61 -16.65 -4.35 20.48
N LEU B 62 -16.97 -5.24 21.41
CA LEU B 62 -16.00 -6.14 21.98
C LEU B 62 -15.44 -7.11 20.92
N ASP B 63 -16.28 -7.70 20.08
CA ASP B 63 -15.75 -8.58 19.03
C ASP B 63 -14.80 -7.81 18.08
N LEU B 64 -15.18 -6.58 17.72
CA LEU B 64 -14.36 -5.81 16.80
C LEU B 64 -13.01 -5.45 17.44
N MET B 65 -13.03 -5.12 18.73
CA MET B 65 -11.82 -4.78 19.45
C MET B 65 -10.90 -5.99 19.46
N ASP B 66 -11.47 -7.14 19.80
CA ASP B 66 -10.71 -8.39 19.79
C ASP B 66 -10.11 -8.62 18.38
N PHE B 67 -10.90 -8.47 17.33
CA PHE B 67 -10.41 -8.74 15.98
C PHE B 67 -9.37 -7.74 15.48
N LEU B 68 -9.39 -6.53 16.02
CA LEU B 68 -8.36 -5.56 15.66
C LEU B 68 -7.01 -5.83 16.28
N GLY B 69 -6.98 -6.65 17.31
CA GLY B 69 -5.74 -7.17 17.80
C GLY B 69 -5.14 -8.30 16.98
N THR B 70 -5.76 -8.64 15.85
CA THR B 70 -5.22 -9.69 14.97
C THR B 70 -4.95 -9.13 13.58
N PRO B 71 -3.81 -9.48 12.98
CA PRO B 71 -3.47 -8.89 11.68
C PRO B 71 -4.50 -9.23 10.60
N MET B 72 -4.72 -8.29 9.69
CA MET B 72 -5.53 -8.53 8.51
C MET B 72 -4.46 -8.86 7.44
N LYS B 73 -4.28 -10.16 7.16
CA LYS B 73 -3.27 -10.69 6.20
C LYS B 73 -3.08 -9.83 4.89
N GLY B 74 -2.17 -10.25 4.01
CA GLY B 74 -2.07 -9.62 2.69
C GLY B 74 -3.09 -10.08 1.61
N ASP B 75 -4.38 -10.14 1.97
CA ASP B 75 -5.43 -10.68 1.08
C ASP B 75 -6.69 -9.76 1.02
N GLY B 76 -6.44 -8.46 1.13
CA GLY B 76 -7.49 -7.45 1.17
C GLY B 76 -8.35 -7.48 2.42
N GLY B 77 -7.94 -8.25 3.40
CA GLY B 77 -8.65 -8.36 4.64
C GLY B 77 -9.79 -9.39 4.66
N ASP B 78 -9.83 -10.28 3.67
CA ASP B 78 -10.96 -11.21 3.51
C ASP B 78 -10.96 -12.38 4.46
N GLU B 79 -9.79 -12.87 4.76
CA GLU B 79 -9.64 -13.93 5.73
C GLU B 79 -10.08 -13.44 7.12
N TRP B 80 -9.63 -12.25 7.46
CA TRP B 80 -10.07 -11.53 8.66
C TRP B 80 -11.59 -11.35 8.64
N MET B 81 -12.15 -10.84 7.52
CA MET B 81 -13.61 -10.68 7.43
C MET B 81 -14.39 -11.99 7.65
N ALA B 82 -13.92 -13.07 7.05
CA ALA B 82 -14.61 -14.34 7.20
C ALA B 82 -14.65 -14.74 8.66
N ALA B 83 -13.55 -14.52 9.38
CA ALA B 83 -13.47 -14.91 10.79
C ALA B 83 -14.41 -14.05 11.58
N VAL B 84 -14.49 -12.77 11.25
CA VAL B 84 -15.37 -11.93 11.97
C VAL B 84 -16.79 -12.37 11.74
N MET B 85 -17.13 -12.72 10.49
CA MET B 85 -18.48 -13.14 10.13
C MET B 85 -18.92 -14.38 10.88
N ARG B 86 -18.00 -15.30 11.11
CA ARG B 86 -18.33 -16.47 11.91
C ARG B 86 -18.74 -16.05 13.33
N LYS B 87 -18.00 -15.13 13.91
CA LYS B 87 -18.25 -14.73 15.30
C LYS B 87 -19.46 -13.80 15.41
N ASN B 88 -19.60 -12.88 14.47
CA ASN B 88 -20.61 -11.86 14.56
C ASN B 88 -21.01 -11.44 13.17
N HIS B 89 -22.08 -12.06 12.69
CA HIS B 89 -22.50 -11.95 11.32
C HIS B 89 -23.03 -10.55 11.07
N ALA B 90 -23.80 -10.00 12.03
CA ALA B 90 -24.26 -8.60 11.91
C ALA B 90 -23.12 -7.60 11.75
N LEU B 91 -22.07 -7.76 12.55
CA LEU B 91 -20.90 -6.91 12.48
C LEU B 91 -20.22 -7.06 11.12
N ALA B 92 -20.04 -8.28 10.64
CA ALA B 92 -19.39 -8.50 9.35
C ALA B 92 -20.18 -7.82 8.22
N LEU B 93 -21.51 -7.98 8.23
CA LEU B 93 -22.32 -7.29 7.18
C LEU B 93 -22.09 -5.79 7.19
N ARG B 94 -22.05 -5.19 8.37
CA ARG B 94 -21.83 -3.72 8.44
C ARG B 94 -20.41 -3.33 7.93
N LEU B 95 -19.40 -4.10 8.35
CA LEU B 95 -18.02 -3.88 7.89
C LEU B 95 -17.89 -3.98 6.36
N MET B 96 -18.56 -4.99 5.78
CA MET B 96 -18.58 -5.17 4.34
C MET B 96 -19.28 -4.03 3.63
N GLU B 97 -20.41 -3.58 4.19
CA GLU B 97 -21.14 -2.47 3.63
C GLU B 97 -20.28 -1.18 3.60
N VAL B 98 -19.57 -0.95 4.70
CA VAL B 98 -18.76 0.26 4.85
C VAL B 98 -17.53 0.22 3.92
N ARG B 99 -16.86 -0.91 3.79
CA ARG B 99 -15.70 -0.93 2.91
C ARG B 99 -16.03 -0.80 1.41
N GLU B 100 -17.19 -1.31 1.02
CA GLU B 100 -17.68 -1.10 -0.34
C GLU B 100 -18.13 0.32 -0.59
N ALA B 101 -18.82 0.91 0.39
CA ALA B 101 -19.20 2.32 0.32
C ALA B 101 -17.95 3.18 0.18
N TYR B 102 -16.90 2.83 0.90
CA TYR B 102 -15.68 3.63 0.88
C TYR B 102 -14.99 3.71 -0.49
N LEU B 103 -15.25 2.72 -1.35
CA LEU B 103 -14.78 2.76 -2.75
C LEU B 103 -15.19 4.01 -3.52
N ASP B 104 -16.32 4.60 -3.12
CA ASP B 104 -16.82 5.86 -3.69
C ASP B 104 -16.42 7.12 -2.92
N GLU B 105 -15.70 6.99 -1.81
CA GLU B 105 -15.24 8.14 -1.00
C GLU B 105 -13.74 8.37 -1.15
N PHE B 106 -12.99 7.27 -1.18
CA PHE B 106 -11.59 7.31 -1.38
C PHE B 106 -11.23 8.12 -2.63
N GLU B 107 -10.30 9.05 -2.46
CA GLU B 107 -9.94 9.93 -3.57
C GLU B 107 -8.75 9.37 -4.30
N TRP B 108 -9.07 8.50 -5.25
CA TRP B 108 -8.11 7.79 -6.07
C TRP B 108 -7.26 8.71 -6.93
N GLY B 109 -7.90 9.70 -7.51
CA GLY B 109 -7.20 10.74 -8.32
C GLY B 109 -6.16 11.49 -7.52
N LYS B 110 -6.55 11.99 -6.36
CA LYS B 110 -5.61 12.66 -5.43
C LYS B 110 -4.45 11.78 -5.05
N THR B 111 -4.76 10.53 -4.76
CA THR B 111 -3.77 9.53 -4.40
C THR B 111 -2.69 9.34 -5.46
N MET B 112 -3.12 9.07 -6.67
CA MET B 112 -2.13 8.91 -7.76
C MET B 112 -1.40 10.24 -8.02
N GLU B 113 -2.14 11.32 -7.98
CA GLU B 113 -1.55 12.66 -8.19
C GLU B 113 -0.42 12.93 -7.18
N MET B 114 -0.66 12.67 -5.89
CA MET B 114 0.36 12.84 -4.84
C MET B 114 1.53 11.92 -5.02
N ALA B 115 1.27 10.66 -5.30
CA ALA B 115 2.34 9.71 -5.50
C ALA B 115 3.25 10.16 -6.62
N SER B 116 2.67 10.64 -7.73
CA SER B 116 3.45 11.08 -8.89
C SER B 116 4.19 12.35 -8.65
N ARG B 117 3.48 13.39 -8.23
CA ARG B 117 4.11 14.73 -8.00
C ARG B 117 5.26 14.61 -7.00
N GLU B 118 5.02 13.92 -5.89
CA GLU B 118 6.05 13.81 -4.85
C GLU B 118 7.26 12.97 -5.29
N THR B 119 7.06 11.96 -6.15
CA THR B 119 8.16 11.25 -6.80
C THR B 119 9.05 12.21 -7.62
N ARG B 120 8.40 12.98 -8.50
CA ARG B 120 9.09 14.03 -9.28
C ARG B 120 9.75 15.10 -8.40
N GLU B 121 9.05 15.59 -7.40
CA GLU B 121 9.63 16.58 -6.48
C GLU B 121 10.82 16.05 -5.65
N ALA B 122 10.74 14.80 -5.17
CA ALA B 122 11.89 14.21 -4.44
C ALA B 122 13.10 14.01 -5.36
N ASN B 123 12.87 13.52 -6.58
CA ASN B 123 13.93 13.40 -7.56
C ASN B 123 14.64 14.75 -7.78
N THR B 124 13.84 15.78 -7.92
CA THR B 124 14.39 17.11 -8.18
C THR B 124 15.24 17.61 -7.03
N ARG B 125 14.76 17.41 -5.81
CA ARG B 125 15.46 17.88 -4.65
C ARG B 125 16.76 17.08 -4.44
N LEU B 126 16.69 15.77 -4.62
CA LEU B 126 17.88 14.93 -4.52
C LEU B 126 18.94 15.30 -5.59
N MET B 127 18.53 15.42 -6.84
CA MET B 127 19.44 15.79 -7.90
C MET B 127 20.05 17.18 -7.70
N ARG B 128 19.20 18.15 -7.34
CA ARG B 128 19.67 19.53 -7.09
C ARG B 128 20.72 19.52 -5.99
N ALA B 129 20.46 18.76 -4.94
CA ALA B 129 21.40 18.70 -3.84
C ALA B 129 22.77 18.15 -4.27
N ALA B 130 22.79 17.12 -5.12
CA ALA B 130 24.03 16.44 -5.51
C ALA B 130 24.80 17.18 -6.61
N ALA B 131 24.08 18.02 -7.35
CA ALA B 131 24.69 18.75 -8.46
C ALA B 131 25.62 19.86 -7.99
N MET B 132 26.50 20.23 -8.92
CA MET B 132 27.54 21.23 -8.69
C MET B 132 27.66 22.23 -9.83
N TRP C 1 -8.82 1.11 24.81
CA TRP C 1 -7.58 0.57 25.46
C TRP C 1 -6.45 0.26 24.47
N LYS C 2 -6.71 0.49 23.16
CA LYS C 2 -5.85 0.16 22.05
C LYS C 2 -5.66 1.39 21.17
N GLU C 3 -4.44 1.63 20.70
CA GLU C 3 -4.23 2.56 19.60
C GLU C 3 -4.22 1.75 18.31
N ILE C 4 -5.37 1.67 17.65
CA ILE C 4 -5.52 0.86 16.46
C ILE C 4 -4.86 1.46 15.21
N LYS C 5 -3.77 0.83 14.76
CA LYS C 5 -2.96 1.31 13.62
C LYS C 5 -2.89 0.27 12.51
N PHE C 6 -2.62 0.72 11.30
CA PHE C 6 -2.73 -0.16 10.13
C PHE C 6 -1.38 -0.73 9.71
#